data_9MR5
#
_entry.id   9MR5
#
_cell.length_a   1.00
_cell.length_b   1.00
_cell.length_c   1.00
_cell.angle_alpha   90.00
_cell.angle_beta   90.00
_cell.angle_gamma   90.00
#
_symmetry.space_group_name_H-M   'P 1'
#
loop_
_entity.id
_entity.type
_entity.pdbx_description
1 polymer 'Solute carrier organic anion transporter family member 1C1'
2 non-polymer 'ESTRONE BETA-D-GLUCURONIDE'
#
_entity_poly.entity_id   1
_entity_poly.type   'polypeptide(L)'
_entity_poly.pdbx_seq_one_letter_code
;MDTSSKENIQLFCKTSVQPVGRPSFKTEYPSSEEKQPCCGELKVFLCALSFVYFAKALAEGYLKSTITQIERRFDIPSSL
VGVIDGSFEIGNLLVITFVSYFGAKLHRPKIIGAGCVIMGVGTLLIAMPQFFMEQYKYERYSPSSNSTLSISPCLLESSS
QLPVSVMEKSKSKISNECEVDTSSSMWIYVFLGNLLRGIGETPIQPLGIAYLDDFASEDNAAFYIGCVQTVAIIGPIFGA
LLGSLCAKLYVDIGFVNLDHITITPKDPQWVGAWWLGYLIAGIISLLAAVPFWYLPKSLPRSQSREDSNSSSEKSKFIID
DHTDYQTPQGENAKIMEMARDFLPSLKNLFGNPVYFLYLCTSTVQFNSLFGMVTYKPKYIEQQYGQSSSRANFVIGLINI
PAVALGIFSGGIVMKKFRISVCGAAKLYLGSSVFGYLLFLSLFALGCENSDVAGLTVSYQGTKPVSYHERALFSDCNSRC
KCSETKWEPMCGENGITYVSACLAGCQTSNRSGKNIIFYNCTCVGIAASKSGNSSGIVGRCQKDNGCPQMFLYFLVISVI
TSYTLSLGGIPGYILLLRCIKPQLKSFALGIYTLAIRVLAGIPAPVYFGVLIDTSCLKWGFKRCGSRGSCRLYDSNVFRH
IYLGLTVILGTVSILLSIAVLFILKKNYVSKHRSFITKRERTMVSTRFQKENYTTSDHLLQPNYWPGKETQLAAALEVLF
QGPGAAEDQVDPRLIDGKHHHHHHHH
;
_entity_poly.pdbx_strand_id   A
#
loop_
_chem_comp.id
_chem_comp.type
_chem_comp.name
_chem_comp.formula
E3G non-polymer 'ESTRONE BETA-D-GLUCURONIDE' 'C24 H30 O8'
#
# COMPACT_ATOMS: atom_id res chain seq x y z
N GLY A 40 25.71 -5.91 24.10
CA GLY A 40 26.12 -7.18 23.52
C GLY A 40 24.95 -8.02 23.04
N GLU A 41 24.26 -8.65 24.00
CA GLU A 41 23.10 -9.46 23.63
C GLU A 41 21.97 -8.60 23.10
N LEU A 42 21.85 -7.37 23.60
CA LEU A 42 20.82 -6.46 23.11
C LEU A 42 21.03 -6.12 21.64
N LYS A 43 22.29 -5.88 21.24
CA LYS A 43 22.57 -5.60 19.84
C LYS A 43 22.30 -6.83 18.97
N VAL A 44 22.59 -8.01 19.49
CA VAL A 44 22.29 -9.24 18.75
C VAL A 44 20.79 -9.39 18.55
N PHE A 45 20.00 -9.13 19.60
CA PHE A 45 18.55 -9.19 19.45
C PHE A 45 18.05 -8.14 18.47
N LEU A 46 18.64 -6.94 18.50
CA LEU A 46 18.24 -5.90 17.57
C LEU A 46 18.51 -6.32 16.13
N CYS A 47 19.69 -6.91 15.88
CA CYS A 47 20.00 -7.37 14.53
C CYS A 47 19.07 -8.48 14.09
N ALA A 48 18.78 -9.43 14.99
CA ALA A 48 17.88 -10.53 14.65
C ALA A 48 16.48 -10.01 14.34
N LEU A 49 15.98 -9.08 15.15
CA LEU A 49 14.66 -8.52 14.91
C LEU A 49 14.62 -7.71 13.62
N SER A 50 15.70 -6.99 13.31
CA SER A 50 15.75 -6.25 12.05
C SER A 50 15.73 -7.20 10.86
N PHE A 51 16.47 -8.30 10.94
CA PHE A 51 16.45 -9.28 9.85
C PHE A 51 15.08 -9.92 9.72
N VAL A 52 14.42 -10.20 10.84
CA VAL A 52 13.08 -10.77 10.79
C VAL A 52 12.10 -9.80 10.15
N TYR A 53 12.19 -8.51 10.51
CA TYR A 53 11.35 -7.49 9.90
C TYR A 53 11.61 -7.40 8.41
N PHE A 54 12.88 -7.46 8.01
CA PHE A 54 13.22 -7.42 6.59
C PHE A 54 12.61 -8.61 5.85
N ALA A 55 12.71 -9.81 6.43
CA ALA A 55 12.16 -11.00 5.77
C ALA A 55 10.64 -10.89 5.64
N LYS A 56 9.97 -10.44 6.71
CA LYS A 56 8.52 -10.30 6.69
C LYS A 56 8.08 -9.29 5.64
N ALA A 57 8.76 -8.13 5.59
CA ALA A 57 8.39 -7.10 4.64
C ALA A 57 8.72 -7.53 3.21
N LEU A 58 9.81 -8.27 3.01
CA LEU A 58 10.12 -8.80 1.70
C LEU A 58 9.04 -9.76 1.24
N ALA A 59 8.56 -10.62 2.14
CA ALA A 59 7.49 -11.54 1.78
C ALA A 59 6.23 -10.80 1.38
N GLU A 60 5.84 -9.79 2.17
CA GLU A 60 4.61 -9.05 1.84
C GLU A 60 4.77 -8.28 0.53
N GLY A 61 5.93 -7.67 0.30
CA GLY A 61 6.15 -6.96 -0.95
C GLY A 61 6.15 -7.87 -2.16
N TYR A 62 6.76 -9.06 -2.02
CA TYR A 62 6.72 -10.01 -3.12
C TYR A 62 5.31 -10.49 -3.39
N LEU A 63 4.52 -10.74 -2.35
CA LEU A 63 3.14 -11.14 -2.55
C LEU A 63 2.38 -10.07 -3.32
N LYS A 64 2.49 -8.83 -2.87
CA LYS A 64 1.82 -7.72 -3.54
C LYS A 64 2.27 -7.58 -4.99
N SER A 65 3.56 -7.61 -5.27
CA SER A 65 4.07 -7.49 -6.63
C SER A 65 3.62 -8.64 -7.52
N THR A 66 3.68 -9.87 -7.03
CA THR A 66 3.34 -11.04 -7.84
C THR A 66 1.86 -11.07 -8.19
N ILE A 67 0.99 -10.79 -7.21
CA ILE A 67 -0.44 -10.81 -7.46
C ILE A 67 -0.79 -9.78 -8.53
N THR A 68 -0.18 -8.59 -8.41
CA THR A 68 -0.44 -7.53 -9.39
C THR A 68 0.10 -7.88 -10.77
N GLN A 69 1.33 -8.40 -10.86
CA GLN A 69 1.96 -8.67 -12.14
C GLN A 69 1.44 -9.91 -12.83
N ILE A 70 0.72 -10.78 -12.12
CA ILE A 70 0.19 -11.99 -12.73
C ILE A 70 -1.04 -11.67 -13.55
N GLU A 71 -1.49 -10.41 -13.48
CA GLU A 71 -2.74 -9.99 -14.13
C GLU A 71 -2.71 -10.13 -15.64
N ARG A 72 -1.55 -9.95 -16.28
CA ARG A 72 -1.48 -9.93 -17.73
C ARG A 72 -1.92 -11.23 -18.39
N ARG A 73 -1.65 -12.37 -17.77
CA ARG A 73 -2.04 -13.66 -18.34
C ARG A 73 -3.29 -14.25 -17.71
N PHE A 74 -3.33 -14.36 -16.38
CA PHE A 74 -4.46 -14.98 -15.70
C PHE A 74 -5.41 -13.89 -15.26
N ASP A 75 -6.56 -13.81 -15.91
CA ASP A 75 -7.62 -12.91 -15.48
C ASP A 75 -8.29 -13.47 -14.23
N ILE A 76 -7.91 -12.91 -13.08
CA ILE A 76 -8.37 -13.42 -11.79
C ILE A 76 -9.56 -12.60 -11.32
N PRO A 77 -10.64 -13.25 -10.87
CA PRO A 77 -11.78 -12.50 -10.33
C PRO A 77 -11.36 -11.67 -9.12
N SER A 78 -12.00 -10.51 -8.97
CA SER A 78 -11.67 -9.62 -7.86
C SER A 78 -11.95 -10.24 -6.51
N SER A 79 -12.75 -11.32 -6.47
CA SER A 79 -13.02 -11.99 -5.20
C SER A 79 -11.80 -12.78 -4.72
N LEU A 80 -11.16 -13.51 -5.63
CA LEU A 80 -10.04 -14.38 -5.24
C LEU A 80 -8.89 -13.59 -4.63
N VAL A 81 -8.51 -12.47 -5.25
CA VAL A 81 -7.47 -11.62 -4.69
C VAL A 81 -7.88 -11.03 -3.35
N GLY A 82 -9.16 -10.69 -3.19
CA GLY A 82 -9.65 -10.21 -1.91
C GLY A 82 -9.61 -11.27 -0.82
N VAL A 83 -10.01 -12.49 -1.15
CA VAL A 83 -10.00 -13.58 -0.16
C VAL A 83 -8.57 -13.94 0.21
N ILE A 84 -7.66 -13.89 -0.76
CA ILE A 84 -6.25 -14.19 -0.52
C ILE A 84 -5.71 -13.21 0.52
N ASP A 85 -6.04 -11.93 0.36
CA ASP A 85 -5.58 -10.92 1.31
C ASP A 85 -6.29 -11.05 2.65
N GLY A 86 -7.57 -11.39 2.64
CA GLY A 86 -8.35 -11.47 3.86
C GLY A 86 -8.10 -12.67 4.74
N SER A 87 -7.65 -13.78 4.17
CA SER A 87 -7.25 -14.92 5.01
C SER A 87 -6.08 -14.53 5.91
N PHE A 88 -5.12 -13.79 5.36
CA PHE A 88 -4.07 -13.17 6.15
C PHE A 88 -4.63 -12.35 7.31
N GLU A 89 -5.59 -11.48 7.02
CA GLU A 89 -6.14 -10.60 8.05
C GLU A 89 -6.81 -11.41 9.16
N ILE A 90 -7.60 -12.42 8.78
CA ILE A 90 -8.26 -13.25 9.79
C ILE A 90 -7.24 -13.97 10.65
N GLY A 91 -6.23 -14.56 10.00
CA GLY A 91 -5.22 -15.30 10.75
C GLY A 91 -4.44 -14.43 11.72
N ASN A 92 -4.13 -13.20 11.30
CA ASN A 92 -3.40 -12.28 12.17
C ASN A 92 -4.26 -11.76 13.31
N LEU A 93 -5.49 -11.34 13.01
CA LEU A 93 -6.34 -10.72 14.02
C LEU A 93 -6.86 -11.72 15.04
N LEU A 94 -7.02 -12.99 14.64
CA LEU A 94 -7.59 -13.96 15.57
C LEU A 94 -6.62 -14.30 16.70
N VAL A 95 -5.32 -14.07 16.52
CA VAL A 95 -4.33 -14.47 17.50
C VAL A 95 -3.42 -13.33 17.96
N ILE A 96 -3.53 -12.13 17.37
CA ILE A 96 -2.62 -11.05 17.76
C ILE A 96 -2.74 -10.74 19.25
N THR A 97 -3.97 -10.57 19.74
CA THR A 97 -4.18 -10.18 21.13
C THR A 97 -3.73 -11.28 22.08
N PHE A 98 -4.07 -12.52 21.77
CA PHE A 98 -3.72 -13.64 22.65
C PHE A 98 -2.21 -13.82 22.72
N VAL A 99 -1.53 -13.74 21.58
CA VAL A 99 -0.08 -13.87 21.58
C VAL A 99 0.58 -12.73 22.33
N SER A 100 0.08 -11.50 22.11
CA SER A 100 0.67 -10.34 22.76
C SER A 100 0.51 -10.42 24.28
N TYR A 101 -0.66 -10.86 24.75
CA TYR A 101 -0.90 -10.88 26.18
C TYR A 101 -0.22 -12.07 26.86
N PHE A 102 -0.52 -13.28 26.37
CA PHE A 102 -0.06 -14.50 27.03
C PHE A 102 1.43 -14.76 26.82
N GLY A 103 2.08 -14.04 25.92
CA GLY A 103 3.50 -14.19 25.66
C GLY A 103 4.39 -13.16 26.31
N ALA A 104 3.82 -12.24 27.11
CA ALA A 104 4.63 -11.21 27.74
C ALA A 104 5.59 -11.78 28.77
N LYS A 105 5.09 -12.66 29.65
CA LYS A 105 5.92 -13.25 30.68
C LYS A 105 6.54 -14.58 30.28
N LEU A 106 6.28 -15.06 29.07
CA LEU A 106 6.89 -16.28 28.58
C LEU A 106 8.25 -15.96 27.96
N HIS A 107 8.85 -16.95 27.30
CA HIS A 107 10.12 -16.74 26.62
C HIS A 107 9.84 -16.01 25.31
N ARG A 108 9.97 -14.68 25.33
CA ARG A 108 9.63 -13.88 24.16
C ARG A 108 10.49 -14.22 22.95
N PRO A 109 11.82 -14.34 23.04
CA PRO A 109 12.59 -14.69 21.83
C PRO A 109 12.18 -16.01 21.21
N LYS A 110 11.85 -17.02 22.02
CA LYS A 110 11.44 -18.30 21.47
C LYS A 110 10.09 -18.21 20.79
N ILE A 111 9.18 -17.41 21.35
CA ILE A 111 7.88 -17.20 20.69
C ILE A 111 8.08 -16.47 19.36
N ILE A 112 8.99 -15.50 19.32
CA ILE A 112 9.27 -14.82 18.05
C ILE A 112 9.86 -15.79 17.04
N GLY A 113 10.76 -16.66 17.48
CA GLY A 113 11.32 -17.66 16.59
C GLY A 113 10.27 -18.63 16.05
N ALA A 114 9.35 -19.06 16.92
CA ALA A 114 8.27 -19.93 16.47
C ALA A 114 7.38 -19.20 15.45
N GLY A 115 7.10 -17.93 15.70
CA GLY A 115 6.33 -17.15 14.73
C GLY A 115 7.03 -17.05 13.38
N CYS A 116 8.35 -16.85 13.41
CA CYS A 116 9.11 -16.81 12.16
C CYS A 116 9.08 -18.14 11.44
N VAL A 117 9.17 -19.24 12.19
CA VAL A 117 9.08 -20.57 11.58
C VAL A 117 7.72 -20.76 10.93
N ILE A 118 6.66 -20.34 11.60
CA ILE A 118 5.31 -20.46 11.03
C ILE A 118 5.19 -19.60 9.77
N MET A 119 5.75 -18.39 9.79
CA MET A 119 5.72 -17.53 8.62
C MET A 119 6.44 -18.20 7.44
N GLY A 120 7.61 -18.78 7.71
CA GLY A 120 8.34 -19.46 6.67
C GLY A 120 7.58 -20.65 6.11
N VAL A 121 6.94 -21.42 6.99
CA VAL A 121 6.16 -22.58 6.55
C VAL A 121 5.00 -22.12 5.66
N GLY A 122 4.30 -21.05 6.06
CA GLY A 122 3.21 -20.55 5.24
C GLY A 122 3.68 -20.02 3.90
N THR A 123 4.81 -19.30 3.89
CA THR A 123 5.34 -18.77 2.64
C THR A 123 5.75 -19.89 1.70
N LEU A 124 6.35 -20.96 2.24
CA LEU A 124 6.68 -22.11 1.41
C LEU A 124 5.43 -22.83 0.92
N LEU A 125 4.39 -22.89 1.75
CA LEU A 125 3.14 -23.53 1.35
C LEU A 125 2.42 -22.75 0.26
N ILE A 126 2.64 -21.43 0.18
CA ILE A 126 2.02 -20.64 -0.88
C ILE A 126 2.48 -21.14 -2.25
N ALA A 127 3.75 -21.54 -2.37
CA ALA A 127 4.31 -21.95 -3.65
C ALA A 127 4.07 -23.42 -3.96
N MET A 128 3.33 -24.14 -3.11
CA MET A 128 3.07 -25.55 -3.35
C MET A 128 2.36 -25.85 -4.67
N PRO A 129 1.33 -25.10 -5.11
CA PRO A 129 0.59 -25.52 -6.31
C PRO A 129 1.45 -25.67 -7.56
N GLN A 130 2.61 -25.02 -7.63
CA GLN A 130 3.47 -25.14 -8.81
C GLN A 130 3.92 -26.59 -9.01
N PHE A 131 4.34 -27.25 -7.94
CA PHE A 131 4.82 -28.62 -8.03
C PHE A 131 3.70 -29.63 -8.28
N PHE A 132 2.44 -29.22 -8.12
CA PHE A 132 1.31 -30.12 -8.29
C PHE A 132 0.53 -29.91 -9.57
N MET A 133 0.43 -28.67 -10.06
CA MET A 133 -0.28 -28.41 -11.31
C MET A 133 0.53 -28.93 -12.49
N GLU A 134 -0.17 -29.18 -13.60
CA GLU A 134 0.49 -29.64 -14.80
C GLU A 134 1.30 -28.51 -15.44
N GLN A 135 2.17 -28.90 -16.37
CA GLN A 135 3.02 -27.93 -17.05
C GLN A 135 2.17 -26.91 -17.80
N TYR A 136 2.56 -25.65 -17.71
CA TYR A 136 1.79 -24.58 -18.34
C TYR A 136 1.81 -24.74 -19.85
N LYS A 137 0.63 -24.61 -20.48
CA LYS A 137 0.47 -24.78 -21.91
C LYS A 137 -0.15 -23.52 -22.50
N TYR A 138 0.35 -23.12 -23.66
CA TYR A 138 -0.14 -21.91 -24.33
C TYR A 138 -0.50 -22.20 -25.78
N SER A 183 -10.57 -22.26 -10.30
CA SER A 183 -10.85 -22.16 -8.88
C SER A 183 -11.45 -23.46 -8.35
N SER A 184 -10.62 -24.49 -8.22
CA SER A 184 -11.09 -25.80 -7.77
C SER A 184 -9.95 -26.59 -7.20
N SER A 185 -9.96 -26.81 -5.87
CA SER A 185 -9.09 -27.75 -5.18
C SER A 185 -7.61 -27.43 -5.35
N MET A 186 -7.26 -26.19 -5.66
CA MET A 186 -5.86 -25.81 -5.76
C MET A 186 -5.53 -24.49 -5.05
N TRP A 187 -6.51 -23.62 -4.82
CA TRP A 187 -6.29 -22.39 -4.08
C TRP A 187 -6.28 -22.61 -2.57
N ILE A 188 -6.69 -23.79 -2.10
CA ILE A 188 -6.67 -24.09 -0.67
C ILE A 188 -5.25 -23.98 -0.13
N TYR A 189 -4.27 -24.42 -0.93
CA TYR A 189 -2.87 -24.27 -0.55
C TYR A 189 -2.51 -22.81 -0.32
N VAL A 190 -2.93 -21.94 -1.24
CA VAL A 190 -2.61 -20.52 -1.12
C VAL A 190 -3.28 -19.92 0.11
N PHE A 191 -4.57 -20.22 0.34
CA PHE A 191 -5.26 -19.68 1.49
C PHE A 191 -4.65 -20.16 2.80
N LEU A 192 -4.30 -21.44 2.90
CA LEU A 192 -3.70 -21.97 4.12
C LEU A 192 -2.31 -21.38 4.34
N GLY A 193 -1.53 -21.22 3.27
CA GLY A 193 -0.21 -20.63 3.38
C GLY A 193 -0.26 -19.19 3.83
N ASN A 194 -1.25 -18.44 3.34
CA ASN A 194 -1.41 -17.06 3.78
C ASN A 194 -1.94 -16.98 5.22
N LEU A 195 -2.83 -17.90 5.60
CA LEU A 195 -3.36 -17.95 6.95
C LEU A 195 -2.26 -18.22 7.97
N LEU A 196 -1.41 -19.21 7.68
CA LEU A 196 -0.31 -19.52 8.58
C LEU A 196 0.68 -18.37 8.65
N ARG A 197 0.93 -17.71 7.52
CA ARG A 197 1.82 -16.56 7.52
C ARG A 197 1.27 -15.43 8.39
N GLY A 198 -0.02 -15.16 8.28
CA GLY A 198 -0.63 -14.15 9.13
C GLY A 198 -0.60 -14.53 10.60
N ILE A 199 -0.77 -15.82 10.90
CA ILE A 199 -0.70 -16.27 12.29
C ILE A 199 0.71 -16.08 12.84
N GLY A 200 1.72 -16.48 12.07
CA GLY A 200 3.09 -16.35 12.54
C GLY A 200 3.63 -14.94 12.55
N GLU A 201 2.97 -14.03 11.82
CA GLU A 201 3.37 -12.63 11.83
C GLU A 201 3.10 -11.96 13.17
N THR A 202 2.12 -12.44 13.93
CA THR A 202 1.65 -11.71 15.11
C THR A 202 2.71 -11.49 16.19
N PRO A 203 3.52 -12.48 16.60
CA PRO A 203 4.43 -12.23 17.74
C PRO A 203 5.60 -11.33 17.42
N ILE A 204 5.74 -10.87 16.17
CA ILE A 204 6.95 -10.13 15.79
C ILE A 204 6.96 -8.75 16.41
N GLN A 205 5.92 -7.96 16.17
CA GLN A 205 5.96 -6.56 16.58
C GLN A 205 5.75 -6.35 18.08
N PRO A 206 4.63 -6.85 18.68
CA PRO A 206 4.40 -6.55 20.10
C PRO A 206 5.52 -7.06 21.01
N LEU A 207 5.77 -8.37 20.96
CA LEU A 207 6.79 -8.95 21.83
C LEU A 207 8.17 -8.43 21.51
N GLY A 208 8.50 -8.29 20.23
CA GLY A 208 9.82 -7.83 19.85
C GLY A 208 10.09 -6.41 20.33
N ILE A 209 9.14 -5.50 20.10
CA ILE A 209 9.32 -4.12 20.51
C ILE A 209 9.33 -4.00 22.02
N ALA A 210 8.48 -4.78 22.71
CA ALA A 210 8.49 -4.75 24.17
C ALA A 210 9.81 -5.26 24.74
N TYR A 211 10.35 -6.33 24.17
CA TYR A 211 11.65 -6.83 24.61
C TYR A 211 12.75 -5.81 24.35
N LEU A 212 12.69 -5.15 23.19
CA LEU A 212 13.70 -4.15 22.87
C LEU A 212 13.62 -2.96 23.82
N ASP A 213 12.39 -2.57 24.21
CA ASP A 213 12.22 -1.43 25.08
C ASP A 213 12.55 -1.74 26.54
N ASP A 214 12.26 -2.96 26.99
CA ASP A 214 12.44 -3.28 28.41
C ASP A 214 13.91 -3.23 28.82
N PHE A 215 14.79 -3.81 28.03
CA PHE A 215 16.19 -3.97 28.40
C PHE A 215 17.12 -2.93 27.79
N ALA A 216 16.58 -1.94 27.08
CA ALA A 216 17.39 -0.87 26.55
C ALA A 216 17.24 0.39 27.39
N SER A 217 18.26 1.22 27.35
CA SER A 217 18.21 2.50 28.05
C SER A 217 17.11 3.38 27.44
N GLU A 218 16.64 4.35 28.23
CA GLU A 218 15.54 5.19 27.78
C GLU A 218 15.89 5.96 26.52
N ASP A 219 17.16 6.35 26.36
CA ASP A 219 17.57 7.09 25.17
C ASP A 219 17.65 6.20 23.94
N ASN A 220 18.21 5.00 24.07
CA ASN A 220 18.46 4.15 22.92
C ASN A 220 17.24 3.36 22.46
N ALA A 221 16.19 3.28 23.28
CA ALA A 221 15.00 2.55 22.88
C ALA A 221 14.36 3.18 21.65
N ALA A 222 14.28 4.50 21.63
CA ALA A 222 13.70 5.20 20.47
C ALA A 222 14.51 4.93 19.22
N PHE A 223 15.84 4.98 19.33
CA PHE A 223 16.69 4.72 18.17
C PHE A 223 16.54 3.30 17.66
N TYR A 224 16.48 2.33 18.58
CA TYR A 224 16.32 0.94 18.15
C TYR A 224 14.98 0.72 17.46
N ILE A 225 13.90 1.29 18.02
CA ILE A 225 12.59 1.16 17.39
C ILE A 225 12.60 1.86 16.04
N GLY A 226 13.29 2.99 15.93
CA GLY A 226 13.39 3.67 14.65
C GLY A 226 14.10 2.84 13.60
N CYS A 227 15.20 2.19 13.97
CA CYS A 227 15.89 1.32 13.03
C CYS A 227 14.99 0.17 12.60
N VAL A 228 14.27 -0.43 13.55
CA VAL A 228 13.41 -1.57 13.21
C VAL A 228 12.30 -1.14 12.25
N GLN A 229 11.66 0.00 12.54
CA GLN A 229 10.58 0.46 11.67
C GLN A 229 11.10 0.91 10.31
N THR A 230 12.31 1.47 10.25
CA THR A 230 12.91 1.82 8.97
C THR A 230 13.15 0.58 8.12
N VAL A 231 13.65 -0.49 8.75
CA VAL A 231 13.83 -1.74 8.01
C VAL A 231 12.48 -2.26 7.52
N ALA A 232 11.45 -2.17 8.37
CA ALA A 232 10.12 -2.64 7.99
C ALA A 232 9.59 -1.86 6.79
N ILE A 233 9.80 -0.55 6.77
CA ILE A 233 9.33 0.27 5.65
C ILE A 233 10.13 -0.04 4.40
N ILE A 234 11.43 -0.28 4.55
CA ILE A 234 12.30 -0.50 3.39
C ILE A 234 12.00 -1.82 2.71
N GLY A 235 11.74 -2.87 3.51
CA GLY A 235 11.53 -4.21 3.00
C GLY A 235 10.69 -4.39 1.74
N PRO A 236 9.50 -3.78 1.68
CA PRO A 236 8.65 -3.98 0.50
C PRO A 236 9.28 -3.56 -0.82
N ILE A 237 10.22 -2.61 -0.82
CA ILE A 237 10.93 -2.28 -2.05
C ILE A 237 11.73 -3.48 -2.54
N PHE A 238 12.45 -4.14 -1.63
CA PHE A 238 13.18 -5.35 -2.00
C PHE A 238 12.22 -6.47 -2.41
N GLY A 239 11.07 -6.56 -1.76
CA GLY A 239 10.09 -7.54 -2.19
C GLY A 239 9.61 -7.32 -3.61
N ALA A 240 9.32 -6.06 -3.96
CA ALA A 240 8.88 -5.75 -5.32
C ALA A 240 10.00 -5.97 -6.33
N LEU A 241 11.24 -5.65 -5.94
CA LEU A 241 12.37 -5.92 -6.82
C LEU A 241 12.52 -7.41 -7.09
N LEU A 242 12.37 -8.23 -6.04
CA LEU A 242 12.40 -9.67 -6.22
C LEU A 242 11.26 -10.16 -7.10
N GLY A 243 10.08 -9.57 -6.94
CA GLY A 243 8.95 -9.95 -7.79
C GLY A 243 9.21 -9.63 -9.25
N SER A 244 9.76 -8.45 -9.52
CA SER A 244 10.08 -8.07 -10.89
C SER A 244 11.16 -8.99 -11.47
N LEU A 245 12.14 -9.36 -10.65
CA LEU A 245 13.17 -10.28 -11.13
C LEU A 245 12.59 -11.65 -11.44
N CYS A 246 11.71 -12.16 -10.58
CA CYS A 246 11.14 -13.48 -10.79
C CYS A 246 10.21 -13.51 -11.99
N ALA A 247 9.45 -12.43 -12.20
CA ALA A 247 8.52 -12.40 -13.34
C ALA A 247 9.27 -12.44 -14.67
N LYS A 248 10.55 -12.09 -14.68
CA LYS A 248 11.35 -12.15 -15.90
C LYS A 248 11.75 -13.56 -16.27
N LEU A 249 11.67 -14.51 -15.34
CA LEU A 249 12.00 -15.91 -15.61
C LEU A 249 10.73 -16.67 -15.97
N TYR A 250 10.91 -17.70 -16.81
CA TYR A 250 9.78 -18.51 -17.25
C TYR A 250 9.24 -19.31 -16.08
N VAL A 251 7.95 -19.66 -16.17
CA VAL A 251 7.27 -20.33 -15.08
C VAL A 251 7.89 -21.70 -14.79
N ASP A 252 8.21 -22.46 -15.84
CA ASP A 252 8.64 -23.84 -15.70
C ASP A 252 10.16 -24.00 -15.77
N ILE A 253 10.90 -23.05 -15.22
CA ILE A 253 12.36 -23.15 -15.21
C ILE A 253 12.78 -24.29 -14.29
N GLY A 254 13.62 -25.19 -14.80
CA GLY A 254 14.07 -26.32 -14.02
C GLY A 254 13.24 -27.56 -14.25
N PHE A 255 11.94 -27.38 -14.43
CA PHE A 255 11.03 -28.51 -14.71
C PHE A 255 11.07 -28.92 -16.17
N VAL A 256 11.03 -27.95 -17.08
CA VAL A 256 11.03 -28.21 -18.52
C VAL A 256 12.20 -27.44 -19.13
N ASN A 257 12.94 -28.10 -20.03
CA ASN A 257 14.07 -27.47 -20.71
C ASN A 257 13.61 -26.22 -21.45
N LEU A 258 14.35 -25.12 -21.29
CA LEU A 258 13.91 -23.84 -21.83
C LEU A 258 14.19 -23.71 -23.32
N ASP A 259 14.91 -24.67 -23.92
CA ASP A 259 15.19 -24.60 -25.34
C ASP A 259 13.92 -24.70 -26.19
N HIS A 260 12.97 -25.55 -25.77
CA HIS A 260 11.71 -25.69 -26.48
C HIS A 260 10.79 -24.49 -26.33
N ILE A 261 11.07 -23.60 -25.38
CA ILE A 261 10.21 -22.45 -25.15
C ILE A 261 10.56 -21.36 -26.15
N THR A 262 9.57 -20.94 -26.93
CA THR A 262 9.75 -19.92 -27.95
C THR A 262 8.97 -18.64 -27.64
N ILE A 263 8.51 -18.46 -26.41
CA ILE A 263 7.72 -17.30 -26.05
C ILE A 263 8.60 -16.29 -25.33
N THR A 264 8.21 -15.02 -25.40
CA THR A 264 8.95 -13.89 -24.88
C THR A 264 8.05 -13.20 -23.88
N PRO A 265 8.60 -12.54 -22.84
CA PRO A 265 7.73 -11.83 -21.90
C PRO A 265 6.86 -10.76 -22.54
N LYS A 266 7.28 -10.19 -23.67
CA LYS A 266 6.41 -9.23 -24.38
C LYS A 266 5.16 -9.91 -24.93
N ASP A 267 5.26 -11.18 -25.32
CA ASP A 267 4.09 -11.92 -25.78
C ASP A 267 3.15 -12.10 -24.60
N PRO A 268 1.88 -11.69 -24.70
CA PRO A 268 1.05 -11.59 -23.49
C PRO A 268 0.42 -12.90 -23.04
N GLN A 269 0.90 -14.03 -23.56
CA GLN A 269 0.61 -15.34 -23.00
C GLN A 269 1.69 -15.78 -22.02
N TRP A 270 2.66 -14.91 -21.75
CA TRP A 270 3.73 -15.22 -20.83
C TRP A 270 3.24 -15.20 -19.39
N VAL A 271 3.76 -16.12 -18.58
CA VAL A 271 3.55 -16.12 -17.14
C VAL A 271 4.88 -16.44 -16.47
N GLY A 272 5.16 -15.76 -15.35
CA GLY A 272 6.47 -15.84 -14.76
C GLY A 272 6.58 -16.90 -13.67
N ALA A 273 7.80 -17.04 -13.15
CA ALA A 273 8.09 -17.98 -12.08
C ALA A 273 7.76 -17.34 -10.73
N TRP A 274 6.46 -17.31 -10.42
CA TRP A 274 6.00 -16.70 -9.19
C TRP A 274 6.40 -17.53 -7.96
N TRP A 275 6.62 -18.83 -8.15
CA TRP A 275 6.87 -19.72 -7.01
C TRP A 275 8.28 -19.56 -6.46
N LEU A 276 9.24 -19.17 -7.32
CA LEU A 276 10.62 -19.07 -6.87
C LEU A 276 10.78 -18.00 -5.80
N GLY A 277 10.13 -16.85 -5.97
CA GLY A 277 10.21 -15.81 -4.95
C GLY A 277 9.58 -16.24 -3.63
N TYR A 278 8.47 -16.98 -3.70
CA TYR A 278 7.87 -17.49 -2.47
C TYR A 278 8.80 -18.47 -1.77
N LEU A 279 9.46 -19.34 -2.54
CA LEU A 279 10.42 -20.27 -1.93
C LEU A 279 11.57 -19.53 -1.28
N ILE A 280 12.09 -18.51 -1.96
CA ILE A 280 13.21 -17.73 -1.40
C ILE A 280 12.76 -17.01 -0.13
N ALA A 281 11.57 -16.41 -0.15
CA ALA A 281 11.08 -15.70 1.03
C ALA A 281 10.85 -16.66 2.19
N GLY A 282 10.31 -17.84 1.92
CA GLY A 282 10.14 -18.82 2.99
C GLY A 282 11.46 -19.30 3.57
N ILE A 283 12.44 -19.53 2.71
CA ILE A 283 13.77 -19.94 3.19
C ILE A 283 14.38 -18.84 4.05
N ILE A 284 14.26 -17.59 3.62
CA ILE A 284 14.82 -16.48 4.39
C ILE A 284 14.10 -16.35 5.73
N SER A 285 12.77 -16.49 5.74
CA SER A 285 12.03 -16.42 6.99
C SER A 285 12.43 -17.53 7.95
N LEU A 286 12.62 -18.75 7.43
CA LEU A 286 13.06 -19.85 8.28
C LEU A 286 14.46 -19.60 8.83
N LEU A 287 15.36 -19.07 8.00
CA LEU A 287 16.71 -18.77 8.47
C LEU A 287 16.71 -17.64 9.51
N ALA A 288 15.75 -16.73 9.42
CA ALA A 288 15.68 -15.62 10.37
C ALA A 288 15.32 -16.07 11.78
N ALA A 289 14.82 -17.29 11.94
CA ALA A 289 14.41 -17.80 13.25
C ALA A 289 15.54 -18.48 14.01
N VAL A 290 16.69 -18.70 13.38
CA VAL A 290 17.82 -19.37 14.02
C VAL A 290 18.35 -18.58 15.21
N PRO A 291 18.61 -17.27 15.11
CA PRO A 291 19.21 -16.57 16.26
C PRO A 291 18.36 -16.55 17.51
N PHE A 292 17.03 -16.67 17.39
CA PHE A 292 16.18 -16.56 18.56
C PHE A 292 16.22 -17.79 19.45
N TRP A 293 16.77 -18.90 18.98
CA TRP A 293 16.94 -20.07 19.84
C TRP A 293 18.04 -19.88 20.86
N TYR A 294 18.99 -18.98 20.61
CA TYR A 294 20.13 -18.77 21.50
C TYR A 294 20.05 -17.47 22.28
N LEU A 295 18.92 -16.77 22.25
CA LEU A 295 18.86 -15.52 22.99
C LEU A 295 18.25 -15.75 24.37
N PRO A 296 18.72 -15.03 25.38
CA PRO A 296 18.23 -15.26 26.75
C PRO A 296 16.85 -14.68 26.95
N LYS A 297 16.14 -15.26 27.93
CA LYS A 297 14.77 -14.84 28.22
C LYS A 297 14.72 -13.39 28.70
N SER A 298 15.66 -12.99 29.55
CA SER A 298 15.70 -11.64 30.07
C SER A 298 17.14 -11.18 30.19
N LEU A 299 17.34 -9.87 30.13
CA LEU A 299 18.64 -9.25 30.23
C LEU A 299 18.78 -8.47 31.54
N PRO A 300 19.99 -8.35 32.09
CA PRO A 300 20.24 -7.59 33.33
C PRO A 300 19.85 -6.13 33.21
N LYS A 334 0.36 -20.90 36.05
CA LYS A 334 0.88 -19.64 35.54
C LYS A 334 -0.06 -19.02 34.51
N ILE A 335 -0.52 -19.86 33.57
CA ILE A 335 -1.45 -19.37 32.54
C ILE A 335 -2.80 -19.04 33.15
N MET A 336 -3.18 -19.75 34.21
CA MET A 336 -4.45 -19.46 34.87
C MET A 336 -4.47 -18.05 35.45
N GLU A 337 -3.34 -17.61 36.03
CA GLU A 337 -3.25 -16.25 36.52
C GLU A 337 -3.38 -15.24 35.39
N MET A 338 -2.78 -15.55 34.24
CA MET A 338 -2.94 -14.69 33.06
C MET A 338 -4.40 -14.59 32.65
N ALA A 339 -5.10 -15.72 32.60
CA ALA A 339 -6.50 -15.71 32.22
C ALA A 339 -7.33 -14.90 33.22
N ARG A 340 -7.03 -15.03 34.50
CA ARG A 340 -7.75 -14.26 35.51
C ARG A 340 -7.48 -12.76 35.37
N ASP A 341 -6.23 -12.39 35.08
CA ASP A 341 -5.83 -10.98 35.05
C ASP A 341 -6.04 -10.32 33.69
N PHE A 342 -6.47 -11.07 32.68
CA PHE A 342 -6.67 -10.48 31.35
C PHE A 342 -7.63 -9.29 31.39
N LEU A 343 -8.81 -9.48 31.98
CA LEU A 343 -9.81 -8.41 32.00
C LEU A 343 -9.34 -7.19 32.79
N PRO A 344 -8.80 -7.32 34.01
CA PRO A 344 -8.28 -6.11 34.69
C PRO A 344 -7.19 -5.42 33.90
N SER A 345 -6.36 -6.17 33.17
CA SER A 345 -5.33 -5.55 32.34
C SER A 345 -5.95 -4.71 31.23
N LEU A 346 -6.99 -5.23 30.58
CA LEU A 346 -7.68 -4.47 29.55
C LEU A 346 -8.32 -3.21 30.13
N LYS A 347 -8.94 -3.33 31.30
CA LYS A 347 -9.54 -2.16 31.94
C LYS A 347 -8.47 -1.12 32.29
N ASN A 348 -7.31 -1.58 32.77
CA ASN A 348 -6.23 -0.66 33.08
C ASN A 348 -5.71 0.05 31.84
N LEU A 349 -5.57 -0.68 30.73
CA LEU A 349 -5.13 -0.04 29.49
C LEU A 349 -6.14 0.98 29.01
N PHE A 350 -7.43 0.64 29.03
CA PHE A 350 -8.45 1.59 28.62
C PHE A 350 -8.80 2.58 29.73
N GLY A 351 -8.39 2.32 30.97
CA GLY A 351 -8.55 3.32 32.01
C GLY A 351 -7.48 4.39 31.94
N ASN A 352 -6.39 4.13 31.22
CA ASN A 352 -5.33 5.10 31.00
C ASN A 352 -5.78 6.07 29.92
N PRO A 353 -5.91 7.36 30.20
CA PRO A 353 -6.44 8.28 29.18
C PRO A 353 -5.44 8.62 28.09
N VAL A 354 -4.15 8.70 28.45
CA VAL A 354 -3.13 9.00 27.46
C VAL A 354 -3.07 7.90 26.40
N TYR A 355 -3.09 6.64 26.85
CA TYR A 355 -3.03 5.52 25.92
C TYR A 355 -4.25 5.49 25.00
N PHE A 356 -5.43 5.69 25.56
CA PHE A 356 -6.66 5.65 24.76
C PHE A 356 -6.69 6.79 23.74
N LEU A 357 -6.34 8.00 24.18
CA LEU A 357 -6.35 9.12 23.25
C LEU A 357 -5.29 9.01 22.17
N TYR A 358 -4.09 8.51 22.52
CA TYR A 358 -3.09 8.28 21.48
C TYR A 358 -3.52 7.18 20.53
N LEU A 359 -4.22 6.16 21.04
CA LEU A 359 -4.72 5.11 20.17
C LEU A 359 -5.72 5.67 19.17
N CYS A 360 -6.63 6.53 19.62
CA CYS A 360 -7.56 7.18 18.70
C CYS A 360 -6.82 8.07 17.71
N THR A 361 -5.83 8.83 18.19
CA THR A 361 -5.05 9.69 17.31
C THR A 361 -4.38 8.90 16.20
N SER A 362 -3.70 7.81 16.58
CA SER A 362 -3.01 6.99 15.60
C SER A 362 -3.99 6.32 14.64
N THR A 363 -5.15 5.88 15.15
CA THR A 363 -6.15 5.28 14.29
C THR A 363 -6.62 6.26 13.22
N VAL A 364 -6.93 7.49 13.62
CA VAL A 364 -7.41 8.48 12.65
C VAL A 364 -6.28 8.87 11.68
N GLN A 365 -5.07 9.06 12.19
CA GLN A 365 -3.96 9.44 11.33
C GLN A 365 -3.65 8.36 10.30
N PHE A 366 -3.71 7.09 10.71
CA PHE A 366 -3.47 6.01 9.76
C PHE A 366 -4.63 5.81 8.81
N ASN A 367 -5.87 6.10 9.26
CA ASN A 367 -6.98 6.18 8.33
C ASN A 367 -6.70 7.19 7.23
N SER A 368 -6.14 8.34 7.60
CA SER A 368 -5.74 9.33 6.60
C SER A 368 -4.62 8.81 5.70
N LEU A 369 -3.58 8.23 6.31
CA LEU A 369 -2.37 7.88 5.59
C LEU A 369 -2.57 6.72 4.63
N PHE A 370 -3.30 5.68 5.05
CA PHE A 370 -3.55 4.55 4.16
C PHE A 370 -4.38 4.99 2.96
N GLY A 371 -5.40 5.82 3.19
CA GLY A 371 -6.19 6.34 2.09
C GLY A 371 -5.37 7.18 1.14
N MET A 372 -4.49 8.02 1.68
CA MET A 372 -3.66 8.87 0.82
C MET A 372 -2.67 8.03 0.01
N VAL A 373 -2.01 7.06 0.64
CA VAL A 373 -0.98 6.29 -0.04
C VAL A 373 -1.60 5.34 -1.07
N THR A 374 -2.72 4.70 -0.72
CA THR A 374 -3.28 3.65 -1.57
C THR A 374 -3.68 4.21 -2.93
N TYR A 375 -4.31 5.38 -2.97
CA TYR A 375 -4.82 5.95 -4.21
C TYR A 375 -3.96 7.09 -4.74
N LYS A 376 -2.78 7.29 -4.17
CA LYS A 376 -1.83 8.30 -4.67
C LYS A 376 -1.37 7.97 -6.09
N PRO A 377 -0.96 6.72 -6.40
CA PRO A 377 -0.56 6.43 -7.78
C PRO A 377 -1.67 6.69 -8.80
N LYS A 378 -2.89 6.30 -8.45
CA LYS A 378 -4.02 6.56 -9.35
C LYS A 378 -4.29 8.05 -9.47
N TYR A 379 -4.15 8.79 -8.37
CA TYR A 379 -4.32 10.23 -8.42
C TYR A 379 -3.32 10.87 -9.38
N ILE A 380 -2.06 10.42 -9.32
CA ILE A 380 -1.06 10.92 -10.26
C ILE A 380 -1.46 10.56 -11.68
N GLU A 381 -1.83 9.30 -11.91
CA GLU A 381 -2.21 8.83 -13.24
C GLU A 381 -3.29 9.71 -13.86
N GLN A 382 -4.32 10.03 -13.07
CA GLN A 382 -5.49 10.70 -13.64
C GLN A 382 -5.32 12.21 -13.66
N GLN A 383 -4.73 12.79 -12.62
CA GLN A 383 -4.58 14.24 -12.56
C GLN A 383 -3.50 14.74 -13.50
N TYR A 384 -2.37 14.04 -13.62
CA TYR A 384 -1.27 14.55 -14.42
C TYR A 384 -1.01 13.73 -15.67
N GLY A 385 -1.89 12.79 -16.02
CA GLY A 385 -1.75 12.05 -17.25
C GLY A 385 -0.51 11.20 -17.37
N GLN A 386 0.15 10.89 -16.25
CA GLN A 386 1.36 10.10 -16.30
C GLN A 386 1.03 8.63 -16.53
N SER A 387 1.98 7.91 -17.13
CA SER A 387 1.79 6.51 -17.44
C SER A 387 1.78 5.66 -16.17
N SER A 388 1.40 4.40 -16.33
CA SER A 388 1.31 3.49 -15.19
C SER A 388 2.67 3.30 -14.52
N SER A 389 3.72 3.12 -15.33
CA SER A 389 5.06 2.94 -14.77
C SER A 389 5.55 4.22 -14.09
N ARG A 390 5.24 5.38 -14.67
CA ARG A 390 5.75 6.65 -14.17
C ARG A 390 5.23 6.97 -12.77
N ALA A 391 4.06 6.45 -12.42
CA ALA A 391 3.46 6.70 -11.12
C ALA A 391 3.95 5.69 -10.09
N ASN A 392 3.95 4.40 -10.43
CA ASN A 392 4.42 3.37 -9.51
C ASN A 392 5.89 3.57 -9.20
N PHE A 393 6.65 4.08 -10.17
CA PHE A 393 8.07 4.33 -9.94
C PHE A 393 8.27 5.47 -8.94
N VAL A 394 7.52 6.56 -9.09
CA VAL A 394 7.69 7.69 -8.18
C VAL A 394 7.02 7.47 -6.85
N ILE A 395 6.18 6.44 -6.72
CA ILE A 395 5.62 6.12 -5.42
C ILE A 395 6.48 5.11 -4.68
N GLY A 396 6.80 3.97 -5.31
CA GLY A 396 7.56 2.94 -4.63
C GLY A 396 8.99 3.35 -4.31
N LEU A 397 9.65 3.99 -5.26
CA LEU A 397 11.08 4.27 -5.15
C LEU A 397 11.40 5.68 -4.71
N ILE A 398 10.40 6.50 -4.41
CA ILE A 398 10.66 7.88 -4.01
C ILE A 398 9.97 8.21 -2.69
N ASN A 399 8.67 7.92 -2.60
CA ASN A 399 7.93 8.27 -1.39
C ASN A 399 8.26 7.30 -0.25
N ILE A 400 8.42 6.01 -0.55
CA ILE A 400 8.79 5.04 0.49
C ILE A 400 10.16 5.35 1.08
N PRO A 401 11.20 5.66 0.30
CA PRO A 401 12.45 6.12 0.92
C PRO A 401 12.26 7.36 1.77
N ALA A 402 11.38 8.28 1.37
CA ALA A 402 11.12 9.45 2.20
C ALA A 402 10.49 9.07 3.52
N VAL A 403 9.56 8.12 3.51
CA VAL A 403 8.94 7.65 4.75
C VAL A 403 9.98 7.00 5.66
N ALA A 404 10.83 6.15 5.07
CA ALA A 404 11.87 5.49 5.87
C ALA A 404 12.83 6.51 6.47
N LEU A 405 13.23 7.52 5.67
CA LEU A 405 14.12 8.55 6.17
C LEU A 405 13.46 9.36 7.27
N GLY A 406 12.15 9.63 7.13
CA GLY A 406 11.45 10.34 8.19
C GLY A 406 11.40 9.57 9.48
N ILE A 407 11.13 8.26 9.40
CA ILE A 407 11.10 7.43 10.60
C ILE A 407 12.48 7.41 11.27
N PHE A 408 13.53 7.22 10.46
CA PHE A 408 14.88 7.17 11.01
C PHE A 408 15.27 8.52 11.62
N SER A 409 14.89 9.61 10.97
CA SER A 409 15.19 10.93 11.49
C SER A 409 14.47 11.19 12.81
N GLY A 410 13.21 10.76 12.91
CA GLY A 410 12.50 10.88 14.17
C GLY A 410 13.18 10.11 15.29
N GLY A 411 13.59 8.88 15.00
CA GLY A 411 14.31 8.10 16.00
C GLY A 411 15.61 8.75 16.41
N ILE A 412 16.38 9.25 15.44
CA ILE A 412 17.66 9.89 15.74
C ILE A 412 17.46 11.14 16.57
N VAL A 413 16.45 11.94 16.23
CA VAL A 413 16.16 13.15 16.99
C VAL A 413 15.76 12.80 18.42
N MET A 414 14.93 11.77 18.59
CA MET A 414 14.54 11.38 19.94
C MET A 414 15.73 10.90 20.76
N LYS A 415 16.64 10.14 20.13
CA LYS A 415 17.79 9.64 20.88
C LYS A 415 18.76 10.76 21.24
N LYS A 416 19.12 11.60 20.26
CA LYS A 416 20.26 12.49 20.42
C LYS A 416 20.01 13.55 21.49
N PHE A 417 18.82 14.14 21.50
CA PHE A 417 18.52 15.25 22.39
C PHE A 417 17.87 14.80 23.70
N ARG A 418 17.72 13.49 23.91
CA ARG A 418 17.11 12.94 25.12
C ARG A 418 15.73 13.57 25.37
N ILE A 419 14.91 13.52 24.32
CA ILE A 419 13.57 14.11 24.36
C ILE A 419 12.68 13.28 25.26
N SER A 420 11.98 13.94 26.18
CA SER A 420 11.11 13.27 27.12
C SER A 420 9.75 12.96 26.49
N VAL A 421 8.82 12.48 27.32
CA VAL A 421 7.50 12.11 26.82
C VAL A 421 6.73 13.34 26.35
N CYS A 422 6.78 14.43 27.13
CA CYS A 422 6.12 15.65 26.71
C CYS A 422 6.74 16.20 25.42
N GLY A 423 8.06 16.16 25.32
CA GLY A 423 8.71 16.55 24.08
C GLY A 423 8.34 15.63 22.93
N ALA A 424 8.16 14.35 23.20
CA ALA A 424 7.74 13.41 22.16
C ALA A 424 6.34 13.75 21.66
N ALA A 425 5.42 14.06 22.56
CA ALA A 425 4.08 14.47 22.14
C ALA A 425 4.12 15.77 21.35
N LYS A 426 4.94 16.73 21.79
CA LYS A 426 5.07 17.98 21.05
C LYS A 426 5.62 17.75 19.65
N LEU A 427 6.62 16.87 19.53
CA LEU A 427 7.16 16.55 18.22
C LEU A 427 6.14 15.86 17.34
N TYR A 428 5.35 14.95 17.92
CA TYR A 428 4.27 14.30 17.17
C TYR A 428 3.29 15.32 16.62
N LEU A 429 2.83 16.23 17.49
CA LEU A 429 1.86 17.24 17.07
C LEU A 429 2.46 18.15 16.01
N GLY A 430 3.71 18.58 16.20
CA GLY A 430 4.33 19.46 15.22
C GLY A 430 4.52 18.80 13.87
N SER A 431 4.96 17.53 13.86
CA SER A 431 5.10 16.82 12.61
C SER A 431 3.77 16.65 11.90
N SER A 432 2.72 16.29 12.64
CA SER A 432 1.41 16.16 12.03
C SER A 432 0.93 17.48 11.44
N VAL A 433 1.09 18.57 12.20
CA VAL A 433 0.62 19.88 11.76
C VAL A 433 1.37 20.31 10.50
N PHE A 434 2.69 20.22 10.52
CA PHE A 434 3.49 20.66 9.39
C PHE A 434 3.43 19.71 8.20
N GLY A 435 2.95 18.48 8.39
CA GLY A 435 2.72 17.61 7.26
C GLY A 435 1.40 17.90 6.60
N TYR A 436 0.34 18.05 7.40
CA TYR A 436 -0.97 18.29 6.80
C TYR A 436 -1.10 19.71 6.28
N LEU A 437 -0.35 20.67 6.83
CA LEU A 437 -0.33 22.01 6.26
C LEU A 437 0.26 21.99 4.86
N LEU A 438 1.34 21.23 4.66
CA LEU A 438 1.92 21.09 3.34
C LEU A 438 1.00 20.29 2.41
N PHE A 439 0.32 19.28 2.94
CA PHE A 439 -0.63 18.53 2.11
C PHE A 439 -1.79 19.41 1.67
N LEU A 440 -2.15 20.40 2.46
CA LEU A 440 -3.19 21.34 2.06
C LEU A 440 -2.79 22.13 0.81
N SER A 441 -1.49 22.30 0.57
CA SER A 441 -1.04 23.08 -0.57
C SER A 441 -1.26 22.36 -1.89
N LEU A 442 -1.61 21.08 -1.86
CA LEU A 442 -1.82 20.32 -3.09
C LEU A 442 -3.10 20.70 -3.83
N PHE A 443 -4.00 21.45 -3.19
CA PHE A 443 -5.20 21.90 -3.89
C PHE A 443 -4.86 22.83 -5.04
N ALA A 444 -3.88 23.71 -4.84
CA ALA A 444 -3.49 24.64 -5.90
C ALA A 444 -2.83 23.91 -7.07
N LEU A 445 -2.10 22.84 -6.77
CA LEU A 445 -1.38 22.09 -7.80
C LEU A 445 -2.30 21.06 -8.44
N GLY A 446 -3.16 21.55 -9.33
CA GLY A 446 -4.09 20.69 -10.01
C GLY A 446 -4.27 21.02 -11.48
N CYS A 447 -4.27 20.01 -12.34
CA CYS A 447 -4.49 20.20 -13.76
C CYS A 447 -5.96 19.99 -14.10
N GLU A 448 -6.42 20.69 -15.13
CA GLU A 448 -7.80 20.59 -15.56
C GLU A 448 -8.04 19.30 -16.32
N ASN A 449 -9.32 19.00 -16.58
CA ASN A 449 -9.68 17.78 -17.30
C ASN A 449 -9.15 17.82 -18.72
N SER A 450 -8.65 16.68 -19.19
CA SER A 450 -8.25 16.56 -20.57
C SER A 450 -9.47 16.64 -21.48
N ASP A 451 -9.28 17.26 -22.64
CA ASP A 451 -10.38 17.46 -23.59
C ASP A 451 -10.76 16.11 -24.19
N VAL A 452 -11.81 15.50 -23.65
CA VAL A 452 -12.29 14.20 -24.11
C VAL A 452 -13.70 14.38 -24.64
N ALA A 453 -13.92 13.98 -25.89
CA ALA A 453 -15.22 14.16 -26.52
C ALA A 453 -16.23 13.16 -25.97
N GLY A 454 -17.42 13.67 -25.61
CA GLY A 454 -18.51 12.85 -25.16
C GLY A 454 -18.61 12.65 -23.66
N LEU A 455 -17.52 12.88 -22.92
CA LEU A 455 -17.52 12.74 -21.47
C LEU A 455 -17.27 14.07 -20.77
N THR A 456 -16.18 14.75 -21.10
CA THR A 456 -15.89 16.07 -20.55
C THR A 456 -16.30 17.20 -21.49
N VAL A 457 -16.14 17.01 -22.79
CA VAL A 457 -16.55 17.98 -23.80
C VAL A 457 -17.40 17.27 -24.83
N SER A 458 -18.20 18.07 -25.54
CA SER A 458 -19.01 17.54 -26.62
C SER A 458 -18.17 17.44 -27.90
N TYR A 459 -18.74 16.78 -28.92
CA TYR A 459 -18.06 16.65 -30.19
C TYR A 459 -17.95 17.97 -30.95
N GLN A 460 -18.66 19.01 -30.50
CA GLN A 460 -18.54 20.34 -31.07
C GLN A 460 -17.51 21.19 -30.35
N GLY A 461 -16.71 20.61 -29.46
CA GLY A 461 -15.71 21.34 -28.72
C GLY A 461 -16.26 22.35 -27.74
N THR A 462 -17.29 21.98 -26.98
CA THR A 462 -17.87 22.86 -25.98
C THR A 462 -17.28 22.54 -24.61
N LYS A 463 -17.05 23.58 -23.82
CA LYS A 463 -16.43 23.46 -22.50
C LYS A 463 -17.43 22.78 -21.56
N PRO A 464 -16.99 22.43 -20.29
CA PRO A 464 -17.59 21.27 -19.59
C PRO A 464 -19.08 21.06 -19.74
N VAL A 465 -19.46 19.82 -20.04
CA VAL A 465 -20.83 19.42 -20.30
C VAL A 465 -21.39 18.71 -19.08
N SER A 466 -22.68 18.89 -18.83
CA SER A 466 -23.33 18.37 -17.63
C SER A 466 -23.45 16.85 -17.68
N TYR A 467 -24.04 16.29 -16.62
CA TYR A 467 -24.16 14.83 -16.51
C TYR A 467 -25.16 14.29 -17.53
N HIS A 468 -26.34 14.90 -17.62
CA HIS A 468 -27.39 14.38 -18.48
C HIS A 468 -27.04 14.41 -19.96
N GLU A 469 -26.11 15.25 -20.37
CA GLU A 469 -25.70 15.35 -21.77
C GLU A 469 -24.38 14.60 -21.93
N ARG A 470 -24.47 13.28 -22.06
CA ARG A 470 -23.33 12.44 -22.42
C ARG A 470 -23.64 11.84 -23.79
N ALA A 471 -22.88 12.24 -24.79
CA ALA A 471 -23.23 11.99 -26.19
C ALA A 471 -22.19 11.15 -26.89
N LEU A 472 -21.81 10.02 -26.27
CA LEU A 472 -20.85 9.07 -26.84
C LEU A 472 -21.21 8.75 -28.29
N PHE A 473 -22.50 8.69 -28.59
CA PHE A 473 -22.99 8.58 -29.96
C PHE A 473 -23.35 9.98 -30.47
N SER A 474 -22.82 10.34 -31.63
CA SER A 474 -23.02 11.66 -32.22
C SER A 474 -23.40 11.50 -33.69
N ASP A 475 -23.58 12.64 -34.35
CA ASP A 475 -23.92 12.62 -35.77
C ASP A 475 -22.73 12.25 -36.64
N CYS A 476 -21.52 12.67 -36.24
CA CYS A 476 -20.33 12.39 -37.05
C CYS A 476 -20.00 10.90 -37.06
N ASN A 477 -20.21 10.22 -35.94
CA ASN A 477 -19.97 8.78 -35.86
C ASN A 477 -21.27 8.00 -35.96
N SER A 478 -22.33 8.63 -36.47
CA SER A 478 -23.62 7.96 -36.58
C SER A 478 -23.56 6.79 -37.56
N ARG A 479 -22.77 6.91 -38.64
CA ARG A 479 -22.67 5.79 -39.57
C ARG A 479 -21.88 4.64 -38.98
N CYS A 480 -21.21 4.84 -37.86
CA CYS A 480 -20.31 3.86 -37.28
C CYS A 480 -21.05 3.08 -36.19
N LYS A 481 -21.06 1.76 -36.31
CA LYS A 481 -21.58 0.89 -35.26
C LYS A 481 -20.44 0.54 -34.33
N CYS A 482 -20.29 1.33 -33.27
CA CYS A 482 -19.23 1.14 -32.30
C CYS A 482 -19.77 0.52 -31.02
N SER A 483 -18.86 -0.10 -30.26
CA SER A 483 -19.20 -0.69 -28.98
C SER A 483 -18.90 0.32 -27.87
N GLU A 484 -19.84 0.46 -26.94
CA GLU A 484 -19.67 1.43 -25.85
C GLU A 484 -18.58 1.00 -24.88
N THR A 485 -18.34 -0.30 -24.75
CA THR A 485 -17.54 -0.82 -23.66
C THR A 485 -16.05 -0.57 -23.81
N LYS A 486 -15.49 -0.75 -25.02
CA LYS A 486 -14.04 -0.72 -25.15
C LYS A 486 -13.51 0.71 -24.97
N TRP A 487 -12.27 0.81 -24.52
CA TRP A 487 -11.62 2.10 -24.27
C TRP A 487 -10.23 2.03 -24.89
N GLU A 488 -10.09 2.53 -26.11
CA GLU A 488 -8.81 2.63 -26.80
C GLU A 488 -8.58 4.11 -27.10
N PRO A 489 -7.66 4.75 -26.38
CA PRO A 489 -7.57 6.21 -26.44
C PRO A 489 -6.88 6.68 -27.70
N MET A 490 -7.39 7.77 -28.26
CA MET A 490 -6.84 8.40 -29.46
C MET A 490 -7.33 9.84 -29.52
N CYS A 491 -6.47 10.73 -30.02
CA CYS A 491 -6.83 12.13 -30.20
C CYS A 491 -6.36 12.60 -31.57
N GLY A 492 -7.16 13.46 -32.20
CA GLY A 492 -6.83 13.97 -33.51
C GLY A 492 -5.95 15.20 -33.47
N GLU A 493 -5.82 15.83 -34.63
CA GLU A 493 -5.00 17.04 -34.74
C GLU A 493 -5.60 18.22 -33.98
N ASN A 494 -6.88 18.17 -33.66
CA ASN A 494 -7.55 19.26 -32.94
C ASN A 494 -7.27 19.25 -31.45
N GLY A 495 -6.58 18.23 -30.94
CA GLY A 495 -6.26 18.15 -29.53
C GLY A 495 -7.35 17.59 -28.64
N ILE A 496 -8.42 17.06 -29.22
CA ILE A 496 -9.54 16.51 -28.45
C ILE A 496 -9.40 15.00 -28.43
N THR A 497 -9.43 14.42 -27.22
CA THR A 497 -9.32 12.97 -27.07
C THR A 497 -10.67 12.31 -27.33
N TYR A 498 -10.64 11.18 -28.01
CA TYR A 498 -11.84 10.41 -28.32
C TYR A 498 -11.78 9.06 -27.64
N VAL A 499 -12.97 8.51 -27.35
CA VAL A 499 -13.06 7.24 -26.62
C VAL A 499 -12.38 6.12 -27.41
N SER A 500 -12.63 6.05 -28.71
CA SER A 500 -11.97 5.07 -29.57
C SER A 500 -12.00 5.59 -31.00
N ALA A 501 -11.17 4.96 -31.84
CA ALA A 501 -11.05 5.39 -33.23
C ALA A 501 -12.36 5.23 -33.99
N CYS A 502 -13.20 4.27 -33.58
CA CYS A 502 -14.48 4.07 -34.25
C CYS A 502 -15.37 5.29 -34.13
N LEU A 503 -15.43 5.88 -32.94
CA LEU A 503 -16.30 7.04 -32.71
C LEU A 503 -15.71 8.33 -33.29
N ALA A 504 -14.47 8.30 -33.75
CA ALA A 504 -13.87 9.46 -34.38
C ALA A 504 -14.23 9.58 -35.86
N GLY A 505 -14.93 8.60 -36.42
CA GLY A 505 -15.29 8.61 -37.82
C GLY A 505 -14.18 8.21 -38.76
N CYS A 506 -13.11 7.62 -38.25
CA CYS A 506 -11.97 7.25 -39.08
C CYS A 506 -12.32 6.06 -39.97
N GLN A 507 -11.85 6.11 -41.22
CA GLN A 507 -12.09 5.05 -42.19
C GLN A 507 -10.86 4.19 -42.47
N THR A 508 -9.66 4.78 -42.50
CA THR A 508 -8.45 4.06 -42.82
C THR A 508 -7.41 4.26 -41.72
N SER A 509 -6.57 3.25 -41.53
CA SER A 509 -5.50 3.28 -40.55
C SER A 509 -4.20 2.88 -41.24
N ASN A 510 -3.11 3.59 -40.93
CA ASN A 510 -1.81 3.33 -41.52
C ASN A 510 -0.83 3.13 -40.37
N ARG A 511 -0.04 2.06 -40.44
CA ARG A 511 0.97 1.76 -39.42
C ARG A 511 2.31 2.31 -39.89
N SER A 512 2.75 3.41 -39.27
CA SER A 512 4.02 4.04 -39.60
C SER A 512 4.95 3.89 -38.40
N GLY A 513 6.06 3.18 -38.60
CA GLY A 513 6.98 2.95 -37.50
C GLY A 513 6.30 2.20 -36.38
N LYS A 514 6.42 2.74 -35.17
CA LYS A 514 5.78 2.18 -33.99
C LYS A 514 4.40 2.77 -33.72
N ASN A 515 3.92 3.66 -34.58
CA ASN A 515 2.67 4.37 -34.37
C ASN A 515 1.63 3.97 -35.43
N ILE A 516 0.37 4.22 -35.09
CA ILE A 516 -0.75 4.01 -36.00
C ILE A 516 -1.50 5.32 -36.15
N ILE A 517 -1.70 5.76 -37.38
CA ILE A 517 -2.34 7.03 -37.69
C ILE A 517 -3.63 6.76 -38.44
N PHE A 518 -4.72 7.38 -37.99
CA PHE A 518 -6.03 7.19 -38.58
C PHE A 518 -6.39 8.39 -39.44
N TYR A 519 -6.87 8.13 -40.66
CA TYR A 519 -7.19 9.17 -41.63
C TYR A 519 -8.69 9.22 -41.85
N ASN A 520 -9.13 10.32 -42.48
CA ASN A 520 -10.53 10.51 -42.87
C ASN A 520 -11.47 10.37 -41.68
N CYS A 521 -11.10 10.95 -40.55
CA CYS A 521 -11.93 10.92 -39.36
C CYS A 521 -12.88 12.12 -39.41
N THR A 522 -14.19 11.85 -39.40
CA THR A 522 -15.17 12.90 -39.62
C THR A 522 -15.26 13.86 -38.44
N CYS A 523 -15.24 13.32 -37.21
CA CYS A 523 -15.51 14.14 -36.03
C CYS A 523 -14.44 15.20 -35.80
N VAL A 524 -13.16 14.86 -35.99
CA VAL A 524 -12.10 15.82 -35.73
C VAL A 524 -12.17 16.98 -36.73
N GLY A 525 -12.54 16.68 -37.98
CA GLY A 525 -12.61 17.72 -38.99
C GLY A 525 -13.71 18.74 -38.75
N ILE A 526 -14.64 18.45 -37.85
CA ILE A 526 -15.71 19.38 -37.54
C ILE A 526 -15.17 20.53 -36.68
N SER A 534 -7.57 15.65 -41.33
CA SER A 534 -8.34 14.86 -40.37
C SER A 534 -7.56 13.62 -39.93
N SER A 535 -6.39 13.84 -39.33
CA SER A 535 -5.53 12.78 -38.86
C SER A 535 -5.50 12.78 -37.34
N GLY A 536 -5.03 11.67 -36.78
CA GLY A 536 -4.96 11.53 -35.34
C GLY A 536 -3.99 10.45 -34.92
N ILE A 537 -3.63 10.48 -33.64
CA ILE A 537 -2.68 9.53 -33.08
C ILE A 537 -3.38 8.74 -31.97
N VAL A 538 -2.79 7.59 -31.64
CA VAL A 538 -3.35 6.68 -30.64
C VAL A 538 -2.79 7.04 -29.28
N GLY A 539 -3.64 6.94 -28.26
CA GLY A 539 -3.28 7.28 -26.90
C GLY A 539 -3.68 8.70 -26.54
N ARG A 540 -3.70 8.95 -25.23
CA ARG A 540 -4.05 10.28 -24.76
C ARG A 540 -2.85 11.22 -24.87
N CYS A 541 -2.93 12.11 -25.86
CA CYS A 541 -1.91 13.13 -26.05
C CYS A 541 -1.88 14.12 -24.89
N GLN A 542 -0.71 14.69 -24.66
CA GLN A 542 -0.38 15.29 -23.37
C GLN A 542 -1.18 16.55 -23.08
N LYS A 543 -1.34 16.84 -21.79
CA LYS A 543 -1.91 18.10 -21.34
C LYS A 543 -0.90 19.20 -21.59
N ASP A 544 -1.37 20.32 -22.16
CA ASP A 544 -0.47 21.36 -22.67
C ASP A 544 -0.22 22.48 -21.68
N ASN A 545 -1.27 22.99 -21.02
CA ASN A 545 -1.18 24.21 -20.24
C ASN A 545 -0.41 23.97 -18.94
N GLY A 546 0.88 23.71 -19.08
CA GLY A 546 1.79 23.65 -17.94
C GLY A 546 1.45 22.62 -16.91
N CYS A 547 1.02 21.43 -17.31
CA CYS A 547 0.68 20.40 -16.33
C CYS A 547 1.92 19.68 -15.79
N PRO A 548 2.93 19.37 -16.60
CA PRO A 548 4.16 18.80 -16.02
C PRO A 548 4.82 19.73 -15.00
N GLN A 549 4.74 21.04 -15.21
CA GLN A 549 5.28 21.97 -14.23
C GLN A 549 4.59 21.82 -12.89
N MET A 550 3.26 21.72 -12.89
CA MET A 550 2.50 21.47 -11.68
C MET A 550 2.82 20.10 -11.08
N PHE A 551 3.05 19.10 -11.94
CA PHE A 551 3.40 17.77 -11.46
C PHE A 551 4.72 17.77 -10.71
N LEU A 552 5.69 18.56 -11.17
CA LEU A 552 6.97 18.63 -10.46
C LEU A 552 6.78 19.17 -9.05
N TYR A 553 6.03 20.27 -8.90
CA TYR A 553 5.78 20.82 -7.58
C TYR A 553 4.97 19.85 -6.73
N PHE A 554 4.01 19.15 -7.34
CA PHE A 554 3.25 18.14 -6.61
C PHE A 554 4.16 17.06 -6.06
N LEU A 555 5.08 16.57 -6.89
CA LEU A 555 6.01 15.54 -6.45
C LEU A 555 6.89 16.03 -5.30
N VAL A 556 7.42 17.24 -5.43
CA VAL A 556 8.29 17.78 -4.37
C VAL A 556 7.51 17.93 -3.07
N ILE A 557 6.32 18.52 -3.14
CA ILE A 557 5.53 18.76 -1.93
C ILE A 557 5.08 17.44 -1.32
N SER A 558 4.74 16.45 -2.16
CA SER A 558 4.36 15.14 -1.64
C SER A 558 5.51 14.46 -0.92
N VAL A 559 6.73 14.56 -1.48
CA VAL A 559 7.89 13.98 -0.81
C VAL A 559 8.11 14.65 0.54
N ILE A 560 8.05 15.98 0.57
CA ILE A 560 8.29 16.70 1.83
C ILE A 560 7.19 16.36 2.84
N THR A 561 5.95 16.27 2.38
CA THR A 561 4.84 15.93 3.27
C THR A 561 4.99 14.52 3.84
N SER A 562 5.40 13.57 2.99
CA SER A 562 5.61 12.20 3.48
C SER A 562 6.72 12.17 4.52
N TYR A 563 7.82 12.87 4.27
CA TYR A 563 8.90 12.90 5.24
C TYR A 563 8.44 13.52 6.55
N THR A 564 7.72 14.64 6.48
CA THR A 564 7.28 15.33 7.69
C THR A 564 6.30 14.47 8.48
N LEU A 565 5.36 13.82 7.79
CA LEU A 565 4.37 12.99 8.48
C LEU A 565 5.01 11.75 9.09
N SER A 566 6.03 11.19 8.42
CA SER A 566 6.69 10.02 8.98
C SER A 566 7.72 10.38 10.04
N LEU A 567 8.10 11.65 10.14
CA LEU A 567 9.02 12.08 11.19
C LEU A 567 8.46 11.79 12.59
N GLY A 568 7.14 11.88 12.76
CA GLY A 568 6.55 11.65 14.06
C GLY A 568 6.06 10.22 14.25
N GLY A 569 6.84 9.25 13.76
CA GLY A 569 6.44 7.86 13.93
C GLY A 569 6.95 7.25 15.22
N ILE A 570 8.23 7.42 15.50
CA ILE A 570 8.87 6.86 16.70
C ILE A 570 8.48 7.64 17.94
N PRO A 571 8.32 8.96 17.90
CA PRO A 571 7.70 9.64 19.05
C PRO A 571 6.33 9.09 19.39
N GLY A 572 5.58 8.61 18.41
CA GLY A 572 4.33 7.94 18.70
C GLY A 572 4.50 6.69 19.54
N TYR A 573 5.47 5.84 19.19
CA TYR A 573 5.73 4.64 19.98
C TYR A 573 6.23 4.99 21.38
N ILE A 574 7.06 6.03 21.48
CA ILE A 574 7.53 6.47 22.80
C ILE A 574 6.36 6.95 23.65
N LEU A 575 5.45 7.72 23.06
CA LEU A 575 4.24 8.11 23.77
C LEU A 575 3.40 6.90 24.17
N LEU A 576 3.37 5.88 23.31
CA LEU A 576 2.62 4.65 23.56
C LEU A 576 3.21 3.81 24.69
N LEU A 577 4.53 3.86 24.90
CA LEU A 577 5.18 2.93 25.82
C LEU A 577 5.53 3.56 27.16
N ARG A 578 5.66 4.89 27.20
CA ARG A 578 6.11 5.58 28.40
C ARG A 578 4.99 6.03 29.31
N CYS A 579 3.73 5.73 28.97
CA CYS A 579 2.60 6.16 29.78
C CYS A 579 1.72 5.00 30.23
N ILE A 580 2.25 3.78 30.24
CA ILE A 580 1.55 2.61 30.74
C ILE A 580 2.46 1.90 31.74
N LYS A 581 1.84 1.10 32.60
CA LYS A 581 2.63 0.30 33.52
C LYS A 581 3.41 -0.75 32.72
N PRO A 582 4.70 -0.97 33.05
CA PRO A 582 5.57 -1.74 32.15
C PRO A 582 5.09 -3.15 31.86
N GLN A 583 4.53 -3.86 32.85
CA GLN A 583 4.15 -5.25 32.63
C GLN A 583 3.05 -5.41 31.60
N LEU A 584 2.51 -4.33 31.05
CA LEU A 584 1.47 -4.39 30.04
C LEU A 584 1.92 -3.75 28.73
N LYS A 585 3.23 -3.62 28.51
CA LYS A 585 3.70 -3.07 27.25
C LYS A 585 3.30 -3.94 26.07
N SER A 586 3.64 -5.24 26.13
CA SER A 586 3.33 -6.14 25.01
C SER A 586 1.84 -6.14 24.71
N PHE A 587 1.02 -6.42 25.73
CA PHE A 587 -0.42 -6.45 25.56
C PHE A 587 -0.99 -5.12 25.12
N ALA A 588 -0.25 -4.01 25.31
CA ALA A 588 -0.68 -2.75 24.72
C ALA A 588 -0.33 -2.71 23.23
N LEU A 589 0.92 -3.04 22.90
CA LEU A 589 1.39 -2.89 21.52
C LEU A 589 0.52 -3.70 20.57
N GLY A 590 0.24 -4.96 20.92
CA GLY A 590 -0.63 -5.77 20.10
C GLY A 590 -1.97 -5.12 19.88
N ILE A 591 -2.59 -4.63 20.95
CA ILE A 591 -3.86 -3.90 20.80
C ILE A 591 -3.68 -2.75 19.83
N TYR A 592 -2.59 -2.00 19.97
CA TYR A 592 -2.31 -0.92 19.02
C TYR A 592 -2.31 -1.46 17.60
N THR A 593 -1.59 -2.55 17.35
CA THR A 593 -1.59 -3.15 16.03
C THR A 593 -3.00 -3.58 15.65
N LEU A 594 -3.73 -4.21 16.57
CA LEU A 594 -5.09 -4.62 16.30
C LEU A 594 -5.96 -3.40 15.98
N ALA A 595 -5.64 -2.25 16.59
CA ALA A 595 -6.40 -1.05 16.29
C ALA A 595 -6.11 -0.55 14.88
N ILE A 596 -4.86 -0.71 14.42
CA ILE A 596 -4.48 -0.18 13.12
C ILE A 596 -5.13 -0.99 12.00
N ARG A 597 -5.11 -2.31 12.09
CA ARG A 597 -5.60 -3.13 10.99
C ARG A 597 -7.13 -3.15 10.97
N VAL A 598 -7.77 -3.24 12.13
CA VAL A 598 -9.23 -3.31 12.16
C VAL A 598 -9.85 -1.99 11.71
N LEU A 599 -9.35 -0.87 12.23
CA LEU A 599 -10.00 0.42 12.03
C LEU A 599 -9.33 1.30 10.99
N ALA A 600 -8.06 1.07 10.66
CA ALA A 600 -7.36 1.89 9.70
C ALA A 600 -6.86 1.12 8.49
N GLY A 601 -6.23 -0.04 8.70
CA GLY A 601 -5.67 -0.78 7.58
C GLY A 601 -6.72 -1.28 6.61
N ILE A 602 -7.78 -1.88 7.13
CA ILE A 602 -8.83 -2.47 6.31
C ILE A 602 -9.80 -1.41 5.78
N PRO A 603 -10.42 -0.58 6.61
CA PRO A 603 -11.51 0.27 6.09
C PRO A 603 -11.04 1.39 5.19
N ALA A 604 -9.86 1.95 5.45
CA ALA A 604 -9.45 3.18 4.75
C ALA A 604 -9.43 3.03 3.24
N PRO A 605 -8.85 1.98 2.64
CA PRO A 605 -8.96 1.84 1.18
C PRO A 605 -10.38 1.76 0.68
N VAL A 606 -11.28 1.11 1.43
CA VAL A 606 -12.60 0.77 0.91
C VAL A 606 -13.41 2.03 0.60
N TYR A 607 -13.69 2.84 1.63
CA TYR A 607 -14.50 4.03 1.43
C TYR A 607 -13.79 5.12 0.66
N PHE A 608 -12.46 5.21 0.75
CA PHE A 608 -11.72 6.09 -0.15
C PHE A 608 -11.99 5.73 -1.61
N GLY A 609 -11.89 4.44 -1.94
CA GLY A 609 -12.15 3.99 -3.29
C GLY A 609 -13.59 4.23 -3.71
N VAL A 610 -14.53 4.01 -2.80
CA VAL A 610 -15.94 4.25 -3.12
C VAL A 610 -16.18 5.72 -3.45
N LEU A 611 -15.73 6.62 -2.57
CA LEU A 611 -15.93 8.05 -2.80
C LEU A 611 -15.18 8.52 -4.04
N ILE A 612 -14.03 7.94 -4.34
CA ILE A 612 -13.31 8.27 -5.57
C ILE A 612 -14.10 7.81 -6.79
N ASP A 613 -14.65 6.59 -6.74
CA ASP A 613 -15.40 6.05 -7.87
C ASP A 613 -16.73 6.77 -8.08
N THR A 614 -17.22 7.51 -7.08
CA THR A 614 -18.37 8.37 -7.36
C THR A 614 -18.05 9.44 -8.40
N SER A 615 -16.77 9.69 -8.67
CA SER A 615 -16.35 10.69 -9.65
C SER A 615 -15.93 10.08 -10.98
N CYS A 616 -16.30 8.82 -11.22
CA CYS A 616 -15.94 8.14 -12.45
C CYS A 616 -16.89 8.52 -13.57
N LEU A 617 -16.32 8.75 -14.76
CA LEU A 617 -17.12 9.13 -15.93
C LEU A 617 -17.27 8.01 -16.94
N LYS A 618 -16.30 7.09 -17.02
CA LYS A 618 -16.36 5.99 -17.97
C LYS A 618 -15.76 4.76 -17.32
N TRP A 619 -16.55 3.69 -17.23
CA TRP A 619 -16.11 2.45 -16.59
C TRP A 619 -15.57 1.46 -17.63
N GLY A 620 -14.54 0.74 -17.23
CA GLY A 620 -14.01 -0.36 -18.01
C GLY A 620 -14.70 -1.67 -17.68
N PHE A 621 -14.37 -2.70 -18.46
CA PHE A 621 -14.95 -4.02 -18.28
C PHE A 621 -13.88 -5.09 -18.48
N LYS A 622 -14.09 -6.23 -17.83
CA LYS A 622 -13.18 -7.36 -17.96
C LYS A 622 -13.67 -8.29 -19.08
N ARG A 623 -12.95 -9.40 -19.26
CA ARG A 623 -13.30 -10.35 -20.30
C ARG A 623 -14.60 -11.11 -20.01
N CYS A 624 -15.05 -11.11 -18.76
CA CYS A 624 -16.25 -11.83 -18.37
C CYS A 624 -17.50 -10.94 -18.32
N GLY A 625 -17.34 -9.62 -18.24
CA GLY A 625 -18.47 -8.71 -18.18
C GLY A 625 -18.52 -7.84 -16.94
N SER A 626 -17.92 -8.25 -15.83
CA SER A 626 -17.89 -7.42 -14.62
C SER A 626 -17.06 -6.17 -14.87
N ARG A 627 -17.45 -5.05 -14.27
CA ARG A 627 -16.74 -3.80 -14.48
C ARG A 627 -15.35 -3.86 -13.88
N GLY A 628 -14.36 -3.38 -14.62
CA GLY A 628 -13.00 -3.28 -14.13
C GLY A 628 -12.73 -1.95 -13.48
N SER A 629 -11.45 -1.59 -13.40
CA SER A 629 -11.07 -0.30 -12.85
C SER A 629 -11.59 0.82 -13.76
N CYS A 630 -11.99 1.93 -13.13
CA CYS A 630 -12.49 3.06 -13.90
C CYS A 630 -11.39 3.65 -14.76
N ARG A 631 -11.73 3.96 -16.01
CA ARG A 631 -10.71 4.36 -16.98
C ARG A 631 -10.48 5.87 -17.00
N LEU A 632 -11.48 6.67 -16.63
CA LEU A 632 -11.37 8.12 -16.67
C LEU A 632 -12.24 8.73 -15.59
N TYR A 633 -11.63 9.51 -14.70
CA TYR A 633 -12.33 10.24 -13.65
C TYR A 633 -12.36 11.73 -13.96
N ASP A 634 -13.28 12.43 -13.31
CA ASP A 634 -13.34 13.88 -13.38
C ASP A 634 -12.24 14.45 -12.49
N SER A 635 -11.35 15.26 -13.08
CA SER A 635 -10.15 15.69 -12.35
C SER A 635 -10.51 16.52 -11.13
N ASN A 636 -11.45 17.46 -11.28
CA ASN A 636 -11.79 18.36 -10.18
C ASN A 636 -12.38 17.59 -9.00
N VAL A 637 -13.39 16.75 -9.27
CA VAL A 637 -14.03 16.01 -8.19
C VAL A 637 -13.08 15.01 -7.56
N PHE A 638 -12.28 14.33 -8.40
CA PHE A 638 -11.30 13.37 -7.88
C PHE A 638 -10.34 14.06 -6.93
N ARG A 639 -9.73 15.17 -7.37
CA ARG A 639 -8.77 15.88 -6.52
C ARG A 639 -9.45 16.39 -5.25
N HIS A 640 -10.66 16.96 -5.40
CA HIS A 640 -11.37 17.50 -4.25
C HIS A 640 -11.59 16.42 -3.20
N ILE A 641 -12.17 15.29 -3.60
CA ILE A 641 -12.47 14.24 -2.63
C ILE A 641 -11.18 13.68 -2.03
N TYR A 642 -10.20 13.36 -2.88
CA TYR A 642 -9.00 12.69 -2.41
C TYR A 642 -8.23 13.55 -1.43
N LEU A 643 -8.09 14.85 -1.71
CA LEU A 643 -7.38 15.72 -0.78
C LEU A 643 -8.24 16.07 0.44
N GLY A 644 -9.54 16.29 0.25
CA GLY A 644 -10.37 16.72 1.35
C GLY A 644 -10.54 15.67 2.42
N LEU A 645 -10.74 14.40 2.02
CA LEU A 645 -10.86 13.34 3.02
C LEU A 645 -9.59 13.22 3.84
N THR A 646 -8.43 13.26 3.18
CA THR A 646 -7.16 13.18 3.87
C THR A 646 -6.97 14.35 4.82
N VAL A 647 -7.32 15.55 4.37
CA VAL A 647 -7.12 16.74 5.21
C VAL A 647 -8.06 16.72 6.40
N ILE A 648 -9.30 16.28 6.21
CA ILE A 648 -10.26 16.21 7.32
C ILE A 648 -9.79 15.20 8.37
N LEU A 649 -9.34 14.02 7.92
CA LEU A 649 -8.83 13.03 8.86
C LEU A 649 -7.59 13.54 9.57
N GLY A 650 -6.72 14.26 8.84
CA GLY A 650 -5.56 14.84 9.48
C GLY A 650 -5.91 15.88 10.52
N THR A 651 -6.93 16.70 10.24
CA THR A 651 -7.37 17.70 11.21
C THR A 651 -7.93 17.03 12.46
N VAL A 652 -8.70 15.96 12.30
CA VAL A 652 -9.20 15.23 13.46
C VAL A 652 -8.03 14.66 14.27
N SER A 653 -7.04 14.10 13.56
CA SER A 653 -5.86 13.57 14.25
C SER A 653 -5.11 14.66 15.00
N ILE A 654 -5.01 15.86 14.41
CA ILE A 654 -4.33 16.97 15.07
C ILE A 654 -5.08 17.40 16.31
N LEU A 655 -6.42 17.46 16.25
CA LEU A 655 -7.20 17.80 17.43
C LEU A 655 -6.99 16.76 18.53
N LEU A 656 -6.99 15.48 18.18
CA LEU A 656 -6.75 14.44 19.18
C LEU A 656 -5.35 14.53 19.76
N SER A 657 -4.36 14.87 18.92
CA SER A 657 -3.00 15.07 19.42
C SER A 657 -2.92 16.23 20.38
N ILE A 658 -3.65 17.32 20.10
CA ILE A 658 -3.70 18.45 21.02
C ILE A 658 -4.29 18.03 22.35
N ALA A 659 -5.35 17.21 22.31
CA ALA A 659 -5.92 16.70 23.55
C ALA A 659 -4.92 15.85 24.31
N VAL A 660 -4.17 15.00 23.60
CA VAL A 660 -3.15 14.17 24.24
C VAL A 660 -2.10 15.03 24.91
N LEU A 661 -1.63 16.07 24.22
CA LEU A 661 -0.61 16.94 24.77
C LEU A 661 -1.13 17.69 25.99
N PHE A 662 -2.38 18.15 25.95
CA PHE A 662 -2.95 18.83 27.11
C PHE A 662 -3.05 17.90 28.30
N ILE A 663 -3.48 16.65 28.08
CA ILE A 663 -3.59 15.71 29.19
C ILE A 663 -2.21 15.36 29.74
N LEU A 664 -1.21 15.24 28.87
CA LEU A 664 0.14 14.99 29.35
C LEU A 664 0.66 16.15 30.20
N LYS A 665 0.40 17.38 29.76
CA LYS A 665 0.82 18.54 30.55
C LYS A 665 0.08 18.59 31.89
N LYS A 666 -1.18 18.14 31.90
CA LYS A 666 -1.94 18.09 33.15
C LYS A 666 -1.32 17.11 34.14
N ASN A 667 -0.88 15.96 33.66
CA ASN A 667 -0.26 14.95 34.52
C ASN A 667 1.26 14.98 34.41
C1' E3G B . -6.72 -22.07 -12.80
C2' E3G B . -7.82 -23.11 -13.03
C3' E3G B . -8.91 -22.56 -13.94
C4' E3G B . -9.38 -21.19 -13.46
C5' E3G B . -8.19 -20.27 -13.22
C6' E3G B . -8.67 -18.95 -12.67
C1 E3G B . -3.26 -19.95 -11.56
C2 E3G B . -4.25 -20.75 -12.10
C3 E3G B . -4.78 -21.80 -11.36
C4 E3G B . -4.31 -22.03 -10.08
C5 E3G B . -3.31 -21.24 -9.53
C6 E3G B . -2.84 -21.56 -8.12
C7 E3G B . -1.71 -20.65 -7.65
C8 E3G B . -1.89 -19.26 -8.21
C9 E3G B . -1.72 -19.33 -9.73
C10 E3G B . -2.79 -20.20 -10.28
C11 E3G B . -1.75 -17.94 -10.39
C12 E3G B . -0.83 -16.92 -9.71
C13 E3G B . -1.15 -16.90 -8.23
C14 E3G B . -0.86 -18.28 -7.69
C15 E3G B . -0.70 -18.10 -6.18
C16 E3G B . 0.05 -16.77 -6.04
C17 E3G B . -0.24 -16.09 -7.35
C18 E3G B . -2.58 -16.44 -7.96
O8' E3G B . -7.26 -24.29 -13.60
O9' E3G B . -10.01 -23.46 -13.98
O10 E3G B . -10.26 -20.61 -14.42
O11 E3G B . -7.81 -18.11 -12.32
O12 E3G B . -9.89 -18.75 -12.58
O7' E3G B . -7.30 -20.88 -12.29
O20 E3G B . -5.77 -22.60 -11.87
O19 E3G B . 0.20 -14.99 -7.66
#